data_9JGC
#
_entry.id   9JGC
#
_cell.length_a   113.410
_cell.length_b   113.410
_cell.length_c   102.180
_cell.angle_alpha   90.00
_cell.angle_beta   90.00
_cell.angle_gamma   120.00
#
_symmetry.space_group_name_H-M   'H 3 2'
#
loop_
_entity.id
_entity.type
_entity.pdbx_description
1 polymer 'Ribosomal RNA small subunit methyltransferase Nep1'
2 non-polymer 'CHLORIDE ION'
3 non-polymer ADENOSINE
4 non-polymer 'SULFATE ION'
5 non-polymer 'SULFITE ION'
6 non-polymer 1,2-ETHANEDIOL
7 non-polymer DI(HYDROXYETHYL)ETHER
8 water water
#
_entity_poly.entity_id   1
_entity_poly.type   'polypeptide(L)'
_entity_poly.pdbx_seq_one_letter_code
;MEEKKRLHLIIADAELETVPPEILDHPAIVNYAKRRKKRPEKIILDSTYHHAALRQLEDGERRGRPDIVHICLLNALDSI
LNKEDRLRVYVHTRNDYVIYIKPETRLPRNYNRFIGLMENLFEKGAVPEDLELLRMEKKTLNELIEEINPDVVFIMHEEG
ELMIPKNFGKLLDKFKKPTVIVGGFPHGDFKSKVDGVKISLYREPLMAWTIVNEVIVSYEWEVIKKFKS
;
_entity_poly.pdbx_strand_id   A
#
loop_
_chem_comp.id
_chem_comp.type
_chem_comp.name
_chem_comp.formula
ADN non-polymer ADENOSINE 'C10 H13 N5 O4'
CL non-polymer 'CHLORIDE ION' 'Cl -1'
EDO non-polymer 1,2-ETHANEDIOL 'C2 H6 O2'
PEG non-polymer DI(HYDROXYETHYL)ETHER 'C4 H10 O3'
SO3 non-polymer 'SULFITE ION' 'O3 S -2'
SO4 non-polymer 'SULFATE ION' 'O4 S -2'
#
# COMPACT_ATOMS: atom_id res chain seq x y z
N GLU A 2 8.47 -21.52 0.04
CA GLU A 2 8.56 -20.45 -0.99
C GLU A 2 8.46 -21.01 -2.41
N GLU A 3 7.71 -22.11 -2.58
CA GLU A 3 7.41 -22.65 -3.90
C GLU A 3 5.89 -22.79 -4.09
N LYS A 4 5.09 -22.80 -3.00
CA LYS A 4 3.64 -22.85 -3.13
C LYS A 4 3.17 -21.56 -3.83
N LYS A 5 2.01 -21.61 -4.47
CA LYS A 5 1.37 -20.44 -5.02
C LYS A 5 1.09 -19.45 -3.88
N ARG A 6 1.40 -18.17 -4.17
CA ARG A 6 1.08 -17.05 -3.30
C ARG A 6 0.76 -15.85 -4.18
N LEU A 7 -0.14 -15.01 -3.67
CA LEU A 7 -0.36 -13.67 -4.21
C LEU A 7 0.66 -12.69 -3.62
N HIS A 8 1.26 -11.89 -4.50
CA HIS A 8 2.13 -10.79 -4.12
C HIS A 8 1.38 -9.50 -4.40
N LEU A 9 0.95 -8.83 -3.31
CA LEU A 9 0.09 -7.68 -3.42
C LEU A 9 0.89 -6.42 -3.11
N ILE A 10 0.86 -5.46 -4.03
CA ILE A 10 1.59 -4.22 -3.87
C ILE A 10 0.58 -3.09 -3.80
N ILE A 11 0.58 -2.38 -2.67
CA ILE A 11 -0.10 -1.11 -2.58
C ILE A 11 0.88 -0.04 -3.08
N ALA A 12 0.60 0.56 -4.26
CA ALA A 12 1.65 1.26 -5.01
C ALA A 12 1.34 2.74 -5.12
N ASP A 13 2.40 3.52 -5.34
CA ASP A 13 2.29 4.95 -5.47
C ASP A 13 1.52 5.49 -4.26
N ALA A 14 1.79 4.91 -3.09
CA ALA A 14 1.02 5.22 -1.90
C ALA A 14 1.30 6.63 -1.40
N GLU A 15 0.26 7.31 -0.90
CA GLU A 15 0.36 8.65 -0.35
C GLU A 15 0.83 8.61 1.11
N LEU A 16 2.00 7.99 1.30
CA LEU A 16 2.66 7.81 2.58
C LEU A 16 4.06 8.40 2.48
N GLU A 17 4.26 9.53 3.19
CA GLU A 17 5.49 10.30 3.12
C GLU A 17 5.62 11.12 4.39
N THR A 18 6.86 11.49 4.73
CA THR A 18 7.06 12.48 5.77
C THR A 18 6.67 13.83 5.17
N VAL A 19 6.57 14.84 6.02
CA VAL A 19 6.14 16.14 5.58
C VAL A 19 7.06 16.64 4.48
N PRO A 20 6.47 17.06 3.33
CA PRO A 20 7.26 17.59 2.22
C PRO A 20 8.18 18.72 2.68
N PRO A 21 9.49 18.65 2.36
CA PRO A 21 10.44 19.73 2.65
C PRO A 21 9.93 21.14 2.35
N GLU A 22 9.18 21.28 1.25
CA GLU A 22 8.68 22.58 0.81
C GLU A 22 7.79 23.27 1.87
N ILE A 23 7.07 22.51 2.70
CA ILE A 23 6.04 23.13 3.54
C ILE A 23 6.39 23.03 5.02
N LEU A 24 7.65 22.68 5.36
CA LEU A 24 8.03 22.44 6.74
C LEU A 24 7.79 23.66 7.61
N ASP A 25 7.83 24.85 7.01
CA ASP A 25 7.70 26.08 7.77
C ASP A 25 6.28 26.63 7.63
N HIS A 26 5.35 25.87 7.05
CA HIS A 26 3.98 26.35 6.94
C HIS A 26 3.37 26.34 8.34
N PRO A 27 2.66 27.41 8.75
CA PRO A 27 2.20 27.52 10.14
C PRO A 27 1.45 26.28 10.63
N ALA A 28 0.64 25.67 9.75
CA ALA A 28 -0.17 24.52 10.12
C ALA A 28 0.74 23.34 10.43
N ILE A 29 1.88 23.26 9.72
CA ILE A 29 2.89 22.26 10.02
C ILE A 29 3.59 22.59 11.32
N VAL A 30 4.01 23.85 11.49
CA VAL A 30 4.81 24.20 12.65
C VAL A 30 3.99 24.03 13.92
N ASN A 31 2.73 24.49 13.87
CA ASN A 31 1.86 24.43 15.03
C ASN A 31 1.63 22.97 15.40
N TYR A 32 1.36 22.13 14.38
CA TYR A 32 1.07 20.74 14.61
C TYR A 32 2.27 20.04 15.28
N ALA A 33 3.48 20.38 14.81
CA ALA A 33 4.71 19.73 15.27
C ALA A 33 5.08 20.23 16.67
N LYS A 34 4.79 21.50 16.92
CA LYS A 34 4.92 22.07 18.26
C LYS A 34 4.03 21.27 19.22
N ARG A 35 2.75 21.13 18.88
CA ARG A 35 1.83 20.40 19.72
C ARG A 35 2.33 18.97 19.93
N ARG A 36 2.88 18.34 18.89
CA ARG A 36 3.27 16.94 19.01
C ARG A 36 4.67 16.78 19.59
N LYS A 37 5.35 17.91 19.89
CA LYS A 37 6.74 17.96 20.32
C LYS A 37 7.60 17.10 19.40
N LYS A 38 7.51 17.35 18.10
CA LYS A 38 8.22 16.52 17.13
C LYS A 38 8.80 17.41 16.05
N ARG A 39 9.96 17.02 15.50
CA ARG A 39 10.52 17.72 14.36
C ARG A 39 9.62 17.51 13.12
N PRO A 40 9.16 18.59 12.47
CA PRO A 40 8.27 18.48 11.32
C PRO A 40 8.74 17.51 10.25
N GLU A 41 10.04 17.49 9.97
CA GLU A 41 10.54 16.65 8.89
C GLU A 41 10.37 15.17 9.22
N LYS A 42 10.10 14.84 10.49
CA LYS A 42 10.00 13.47 10.97
C LYS A 42 8.56 12.97 10.96
N ILE A 43 7.63 13.90 10.76
CA ILE A 43 6.21 13.64 10.89
C ILE A 43 5.66 13.08 9.58
N ILE A 44 4.73 12.12 9.70
CA ILE A 44 4.04 11.58 8.55
C ILE A 44 2.98 12.58 8.11
N LEU A 45 2.97 12.86 6.81
CA LEU A 45 1.99 13.81 6.25
C LEU A 45 0.59 13.20 6.32
N ASP A 46 -0.36 13.99 6.83
CA ASP A 46 -1.74 13.60 7.05
C ASP A 46 -2.68 14.77 6.69
N SER A 47 -3.36 14.65 5.54
CA SER A 47 -4.13 15.77 5.03
C SER A 47 -5.20 16.24 6.03
N THR A 48 -5.66 15.35 6.92
CA THR A 48 -6.62 15.69 7.94
C THR A 48 -6.11 16.82 8.84
N TYR A 49 -4.81 16.83 9.15
CA TYR A 49 -4.24 17.86 9.99
C TYR A 49 -3.57 18.92 9.13
N HIS A 50 -3.09 18.55 7.94
CA HIS A 50 -2.07 19.33 7.25
C HIS A 50 -2.61 19.98 5.96
N HIS A 51 -3.91 19.89 5.74
CA HIS A 51 -4.56 20.32 4.49
C HIS A 51 -4.26 21.78 4.15
N ALA A 52 -4.23 22.68 5.15
CA ALA A 52 -4.01 24.09 4.90
C ALA A 52 -2.66 24.28 4.19
N ALA A 53 -1.66 23.51 4.62
CA ALA A 53 -0.31 23.57 4.05
C ALA A 53 -0.24 22.89 2.68
N LEU A 54 -1.22 22.04 2.33
CA LEU A 54 -1.15 21.36 1.05
C LEU A 54 -1.72 22.20 -0.09
N ARG A 55 -2.44 23.30 0.20
CA ARG A 55 -3.15 24.06 -0.81
C ARG A 55 -2.26 24.41 -2.01
N GLN A 56 -0.98 24.68 -1.75
CA GLN A 56 -0.10 25.19 -2.79
C GLN A 56 0.87 24.11 -3.25
N LEU A 57 0.79 22.89 -2.70
CA LEU A 57 1.73 21.85 -3.07
C LEU A 57 1.24 21.14 -4.31
N GLU A 58 2.17 20.74 -5.19
CA GLU A 58 1.84 19.89 -6.31
C GLU A 58 1.20 18.60 -5.80
N ASP A 59 0.07 18.24 -6.43
CA ASP A 59 -0.75 17.08 -6.06
C ASP A 59 -1.22 17.19 -4.61
N GLY A 60 -1.25 18.41 -4.08
CA GLY A 60 -1.59 18.66 -2.69
C GLY A 60 -2.89 17.97 -2.28
N GLU A 61 -3.82 17.85 -3.23
CA GLU A 61 -5.18 17.40 -2.94
C GLU A 61 -5.25 15.88 -2.77
N ARG A 62 -4.24 15.14 -3.26
CA ARG A 62 -4.26 13.68 -3.11
C ARG A 62 -3.19 13.20 -2.12
N ARG A 63 -2.31 14.09 -1.64
CA ARG A 63 -1.20 13.67 -0.80
C ARG A 63 -1.62 13.58 0.68
N GLY A 64 -0.82 12.84 1.45
CA GLY A 64 -1.02 12.74 2.87
C GLY A 64 -2.24 11.89 3.23
N ARG A 65 -2.29 10.67 2.67
CA ARG A 65 -3.40 9.75 2.95
C ARG A 65 -2.87 8.44 3.50
N PRO A 66 -2.13 8.46 4.62
CA PRO A 66 -1.63 7.20 5.19
C PRO A 66 -2.75 6.28 5.71
N ASP A 67 -3.96 6.83 5.91
CA ASP A 67 -5.15 6.04 6.25
C ASP A 67 -5.43 4.94 5.22
N ILE A 68 -5.20 5.22 3.93
CA ILE A 68 -5.47 4.24 2.89
C ILE A 68 -4.58 3.03 3.07
N VAL A 69 -3.29 3.25 3.31
CA VAL A 69 -2.38 2.15 3.57
C VAL A 69 -2.79 1.39 4.81
N HIS A 70 -3.16 2.11 5.87
CA HIS A 70 -3.50 1.46 7.15
C HIS A 70 -4.63 0.44 6.94
N ILE A 71 -5.71 0.90 6.31
CA ILE A 71 -6.90 0.09 6.14
C ILE A 71 -6.64 -1.02 5.13
N CYS A 72 -5.90 -0.74 4.05
CA CYS A 72 -5.49 -1.81 3.15
C CYS A 72 -4.70 -2.91 3.89
N LEU A 73 -3.72 -2.51 4.71
CA LEU A 73 -2.85 -3.49 5.36
C LEU A 73 -3.57 -4.25 6.47
N LEU A 74 -4.46 -3.57 7.21
CA LEU A 74 -5.24 -4.30 8.19
C LEU A 74 -6.02 -5.42 7.50
N ASN A 75 -6.68 -5.07 6.39
CA ASN A 75 -7.47 -5.98 5.59
C ASN A 75 -6.61 -7.13 5.05
N ALA A 76 -5.41 -6.81 4.54
CA ALA A 76 -4.56 -7.83 3.95
C ALA A 76 -3.95 -8.77 4.99
N LEU A 77 -3.36 -8.20 6.05
CA LEU A 77 -2.59 -8.98 7.02
C LEU A 77 -3.48 -9.84 7.93
N ASP A 78 -4.72 -9.39 8.18
CA ASP A 78 -5.65 -10.11 9.03
C ASP A 78 -6.45 -11.14 8.20
N SER A 79 -6.21 -11.19 6.89
CA SER A 79 -6.97 -12.08 6.03
C SER A 79 -6.71 -13.54 6.34
N ILE A 80 -7.70 -14.38 5.99
CA ILE A 80 -7.44 -15.82 6.00
C ILE A 80 -6.31 -16.14 5.04
N LEU A 81 -6.31 -15.53 3.85
CA LEU A 81 -5.23 -15.76 2.89
C LEU A 81 -3.86 -15.58 3.53
N ASN A 82 -3.69 -14.52 4.34
CA ASN A 82 -2.41 -14.31 5.01
C ASN A 82 -2.09 -15.44 6.01
N LYS A 83 -3.09 -15.85 6.79
CA LYS A 83 -2.92 -16.89 7.81
C LYS A 83 -2.56 -18.24 7.20
N GLU A 84 -2.97 -18.43 5.95
CA GLU A 84 -2.69 -19.67 5.24
C GLU A 84 -1.34 -19.59 4.50
N ASP A 85 -0.55 -18.55 4.75
CA ASP A 85 0.75 -18.37 4.10
C ASP A 85 0.61 -18.28 2.58
N ARG A 86 -0.45 -17.61 2.10
CA ARG A 86 -0.69 -17.47 0.67
C ARG A 86 -0.60 -16.02 0.20
N LEU A 87 -0.05 -15.13 1.05
CA LEU A 87 0.00 -13.71 0.73
C LEU A 87 1.35 -13.11 1.12
N ARG A 88 1.90 -12.32 0.21
CA ARG A 88 3.00 -11.42 0.51
C ARG A 88 2.57 -10.01 0.13
N VAL A 89 2.77 -9.04 1.02
CA VAL A 89 2.25 -7.69 0.82
C VAL A 89 3.39 -6.70 0.96
N TYR A 90 3.34 -5.65 0.14
CA TYR A 90 4.36 -4.63 0.04
C TYR A 90 3.68 -3.28 -0.12
N VAL A 91 4.35 -2.22 0.34
CA VAL A 91 3.95 -0.85 0.04
C VAL A 91 5.07 -0.18 -0.76
N HIS A 92 4.68 0.40 -1.90
CA HIS A 92 5.55 1.28 -2.66
C HIS A 92 4.94 2.67 -2.55
N THR A 93 5.77 3.66 -2.20
CA THR A 93 5.25 4.99 -1.94
C THR A 93 5.43 5.90 -3.14
N ARG A 94 4.76 7.06 -3.08
CA ARG A 94 4.79 8.04 -4.16
C ARG A 94 6.20 8.62 -4.36
N ASN A 95 7.13 8.43 -3.40
CA ASN A 95 8.48 8.95 -3.51
C ASN A 95 9.50 7.84 -3.77
N ASP A 96 9.05 6.70 -4.26
CA ASP A 96 9.91 5.60 -4.70
C ASP A 96 10.69 5.06 -3.51
N TYR A 97 9.95 4.75 -2.42
CA TYR A 97 10.42 3.89 -1.35
C TYR A 97 9.55 2.65 -1.32
N VAL A 98 10.11 1.49 -0.93
CA VAL A 98 9.30 0.31 -0.74
C VAL A 98 9.43 -0.11 0.72
N ILE A 99 8.32 -0.60 1.25
CA ILE A 99 8.23 -1.23 2.57
C ILE A 99 7.92 -2.71 2.38
N TYR A 100 8.82 -3.54 2.91
CA TYR A 100 8.68 -4.98 2.99
C TYR A 100 8.12 -5.36 4.37
N ILE A 101 7.15 -6.28 4.37
CA ILE A 101 6.35 -6.60 5.55
C ILE A 101 6.40 -8.10 5.75
N LYS A 102 6.94 -8.53 6.88
CA LYS A 102 6.91 -9.94 7.20
C LYS A 102 5.46 -10.35 7.42
N PRO A 103 5.05 -11.53 6.91
CA PRO A 103 3.64 -11.94 6.96
C PRO A 103 3.07 -12.02 8.36
N GLU A 104 3.92 -12.32 9.36
CA GLU A 104 3.42 -12.42 10.73
C GLU A 104 3.23 -11.04 11.39
N THR A 105 3.53 -9.91 10.71
CA THR A 105 3.40 -8.61 11.37
C THR A 105 1.97 -8.34 11.89
N ARG A 106 1.82 -7.91 13.14
CA ARG A 106 0.54 -7.44 13.67
C ARG A 106 0.55 -5.92 13.60
N LEU A 107 -0.13 -5.34 12.61
CA LEU A 107 -0.15 -3.90 12.44
C LEU A 107 -0.99 -3.33 13.56
N PRO A 108 -0.62 -2.17 14.14
CA PRO A 108 -1.49 -1.46 15.07
C PRO A 108 -2.86 -1.25 14.47
N ARG A 109 -3.89 -1.65 15.22
CA ARG A 109 -5.26 -1.44 14.81
C ARG A 109 -5.60 0.04 14.93
N ASN A 110 -5.02 0.72 15.92
CA ASN A 110 -5.32 2.13 16.10
C ASN A 110 -4.51 2.93 15.07
N TYR A 111 -5.20 3.79 14.32
CA TYR A 111 -4.54 4.61 13.31
C TYR A 111 -3.42 5.45 13.88
N ASN A 112 -3.63 6.07 15.04
CA ASN A 112 -2.62 6.96 15.56
C ASN A 112 -1.39 6.16 15.97
N ARG A 113 -1.57 4.92 16.43
CA ARG A 113 -0.43 4.06 16.74
C ARG A 113 0.26 3.64 15.46
N PHE A 114 -0.51 3.40 14.39
CA PHE A 114 0.05 3.11 13.08
C PHE A 114 0.94 4.28 12.62
N ILE A 115 0.49 5.53 12.79
CA ILE A 115 1.26 6.66 12.34
C ILE A 115 2.59 6.71 13.11
N GLY A 116 2.54 6.45 14.41
CA GLY A 116 3.73 6.40 15.24
C GLY A 116 4.72 5.35 14.75
N LEU A 117 4.21 4.21 14.31
CA LEU A 117 5.02 3.14 13.76
C LEU A 117 5.66 3.58 12.45
N MET A 118 4.90 4.31 11.61
CA MET A 118 5.40 4.77 10.33
C MET A 118 6.49 5.81 10.56
N GLU A 119 6.31 6.70 11.53
CA GLU A 119 7.32 7.67 11.92
C GLU A 119 8.60 6.93 12.34
N ASN A 120 8.46 5.87 13.16
CA ASN A 120 9.64 5.11 13.58
C ASN A 120 10.30 4.42 12.38
N LEU A 121 9.50 3.82 11.50
CA LEU A 121 10.03 3.14 10.33
C LEU A 121 10.77 4.09 9.41
N PHE A 122 10.17 5.24 9.09
CA PHE A 122 10.84 6.22 8.25
C PHE A 122 12.14 6.72 8.86
N GLU A 123 12.20 6.80 10.20
CA GLU A 123 13.38 7.31 10.87
C GLU A 123 14.48 6.25 10.88
N LYS A 124 14.15 5.01 11.23
CA LYS A 124 15.16 4.00 11.52
C LYS A 124 15.38 3.06 10.33
N GLY A 125 14.47 3.06 9.33
CA GLY A 125 14.68 2.19 8.19
C GLY A 125 14.14 0.77 8.36
N ALA A 126 13.97 0.32 9.61
CA ALA A 126 13.50 -1.03 9.90
C ALA A 126 13.02 -1.09 11.35
N VAL A 127 11.86 -1.73 11.56
CA VAL A 127 11.32 -1.83 12.91
C VAL A 127 10.66 -3.20 13.12
N PRO A 128 10.71 -3.76 14.36
CA PRO A 128 11.64 -3.35 15.41
C PRO A 128 13.08 -3.75 15.09
N GLU A 129 14.00 -3.41 16.00
CA GLU A 129 15.42 -3.33 15.69
C GLU A 129 15.94 -4.69 15.23
N ASP A 130 15.62 -5.73 15.99
CA ASP A 130 16.04 -7.09 15.73
C ASP A 130 15.22 -7.72 14.60
N LEU A 131 13.89 -7.75 14.82
CA LEU A 131 12.94 -8.50 14.01
C LEU A 131 12.94 -7.99 12.59
N GLU A 132 12.85 -6.66 12.45
CA GLU A 132 12.69 -6.01 11.17
C GLU A 132 11.46 -6.56 10.45
N LEU A 133 10.32 -6.55 11.16
CA LEU A 133 9.05 -6.97 10.59
C LEU A 133 8.68 -6.05 9.41
N LEU A 134 9.04 -4.76 9.57
CA LEU A 134 8.96 -3.76 8.50
C LEU A 134 10.36 -3.26 8.17
N ARG A 135 10.65 -3.16 6.88
CA ARG A 135 11.93 -2.73 6.36
C ARG A 135 11.66 -1.82 5.16
N MET A 136 12.40 -0.72 5.05
CA MET A 136 12.14 0.25 3.99
C MET A 136 13.45 0.60 3.28
N GLU A 137 13.34 0.85 1.98
CA GLU A 137 14.49 1.32 1.22
C GLU A 137 14.05 1.97 -0.08
N LYS A 138 14.98 2.74 -0.63
CA LYS A 138 14.76 3.50 -1.84
C LYS A 138 14.59 2.49 -2.97
N LYS A 139 13.48 2.60 -3.71
CA LYS A 139 13.18 1.57 -4.67
C LYS A 139 11.99 1.94 -5.53
N THR A 140 12.13 1.72 -6.84
CA THR A 140 11.03 1.94 -7.79
C THR A 140 10.10 0.72 -7.85
N LEU A 141 8.90 0.93 -8.42
CA LEU A 141 7.95 -0.18 -8.53
C LEU A 141 8.46 -1.27 -9.47
N ASN A 142 9.14 -0.88 -10.57
CA ASN A 142 9.70 -1.87 -11.47
C ASN A 142 10.79 -2.69 -10.81
N GLU A 143 11.63 -2.04 -10.00
CA GLU A 143 12.73 -2.72 -9.32
C GLU A 143 12.13 -3.75 -8.37
N LEU A 144 11.04 -3.40 -7.69
CA LEU A 144 10.36 -4.31 -6.79
C LEU A 144 9.80 -5.52 -7.54
N ILE A 145 9.15 -5.25 -8.68
CA ILE A 145 8.59 -6.31 -9.49
C ILE A 145 9.68 -7.27 -9.99
N GLU A 146 10.84 -6.73 -10.35
CA GLU A 146 12.02 -7.47 -10.75
C GLU A 146 12.43 -8.42 -9.62
N GLU A 147 12.41 -7.91 -8.38
CA GLU A 147 12.75 -8.71 -7.22
C GLU A 147 11.76 -9.85 -7.05
N ILE A 148 10.46 -9.57 -7.23
CA ILE A 148 9.47 -10.62 -7.04
C ILE A 148 9.63 -11.68 -8.14
N ASN A 149 9.94 -11.23 -9.36
CA ASN A 149 10.09 -12.12 -10.49
C ASN A 149 8.82 -12.94 -10.66
N PRO A 150 7.66 -12.29 -10.86
CA PRO A 150 6.38 -13.01 -11.01
C PRO A 150 6.20 -13.59 -12.41
N ASP A 151 5.21 -14.46 -12.56
CA ASP A 151 4.88 -14.98 -13.86
C ASP A 151 3.77 -14.17 -14.53
N VAL A 152 3.21 -13.18 -13.81
CA VAL A 152 2.17 -12.28 -14.33
C VAL A 152 2.07 -11.08 -13.38
N VAL A 153 1.78 -9.90 -13.95
CA VAL A 153 1.51 -8.68 -13.21
C VAL A 153 0.12 -8.19 -13.61
N PHE A 154 -0.75 -8.01 -12.62
CA PHE A 154 -2.04 -7.40 -12.82
C PHE A 154 -2.02 -6.03 -12.15
N ILE A 155 -2.66 -5.07 -12.82
CA ILE A 155 -2.82 -3.73 -12.31
C ILE A 155 -4.33 -3.51 -12.18
N MET A 156 -4.79 -3.34 -10.95
CA MET A 156 -6.20 -3.13 -10.71
C MET A 156 -6.49 -1.69 -11.11
N HIS A 157 -7.42 -1.56 -12.06
CA HIS A 157 -7.64 -0.30 -12.73
C HIS A 157 -9.10 -0.28 -13.17
N GLU A 158 -9.79 0.79 -12.80
CA GLU A 158 -11.19 0.93 -13.13
C GLU A 158 -11.45 0.78 -14.63
N GLU A 159 -10.47 1.17 -15.48
CA GLU A 159 -10.58 1.17 -16.92
CA GLU A 159 -10.77 1.07 -16.90
C GLU A 159 -10.05 -0.12 -17.53
N GLY A 160 -9.68 -1.12 -16.72
CA GLY A 160 -9.07 -2.33 -17.26
C GLY A 160 -10.12 -3.31 -17.79
N GLU A 161 -9.68 -4.52 -18.14
CA GLU A 161 -10.59 -5.58 -18.60
C GLU A 161 -11.56 -5.95 -17.48
N LEU A 162 -12.87 -5.81 -17.71
CA LEU A 162 -13.84 -6.06 -16.65
C LEU A 162 -13.91 -7.55 -16.32
N MET A 163 -13.83 -7.84 -15.04
CA MET A 163 -13.94 -9.21 -14.59
C MET A 163 -14.86 -9.28 -13.37
N ILE A 164 -15.67 -10.33 -13.33
CA ILE A 164 -16.40 -10.70 -12.13
C ILE A 164 -15.36 -11.09 -11.09
N PRO A 165 -15.41 -10.56 -9.84
CA PRO A 165 -14.35 -10.80 -8.89
C PRO A 165 -14.06 -12.28 -8.69
N LYS A 166 -15.11 -13.11 -8.62
CA LYS A 166 -14.96 -14.54 -8.46
C LYS A 166 -14.05 -15.10 -9.54
N ASN A 167 -14.29 -14.64 -10.77
CA ASN A 167 -13.56 -15.12 -11.93
C ASN A 167 -12.12 -14.63 -11.90
N PHE A 168 -11.86 -13.43 -11.36
CA PHE A 168 -10.48 -12.98 -11.26
C PHE A 168 -9.68 -13.85 -10.27
N GLY A 169 -10.31 -14.27 -9.18
CA GLY A 169 -9.68 -15.21 -8.27
C GLY A 169 -9.30 -16.52 -8.95
N LYS A 170 -10.18 -17.04 -9.80
CA LYS A 170 -9.93 -18.25 -10.55
C LYS A 170 -8.76 -18.05 -11.52
N LEU A 171 -8.69 -16.87 -12.11
CA LEU A 171 -7.59 -16.52 -13.00
C LEU A 171 -6.27 -16.47 -12.24
N LEU A 172 -6.25 -15.78 -11.09
CA LEU A 172 -5.03 -15.66 -10.31
C LEU A 172 -4.45 -17.04 -9.96
N ASP A 173 -5.34 -18.00 -9.66
CA ASP A 173 -4.95 -19.36 -9.25
C ASP A 173 -4.34 -20.18 -10.40
N LYS A 174 -4.30 -19.62 -11.60
CA LYS A 174 -3.70 -20.29 -12.74
C LYS A 174 -2.21 -19.98 -12.83
N PHE A 175 -1.71 -19.10 -11.96
CA PHE A 175 -0.33 -18.68 -11.98
C PHE A 175 0.36 -19.14 -10.71
N LYS A 176 1.70 -19.09 -10.75
CA LYS A 176 2.53 -19.54 -9.64
C LYS A 176 2.74 -18.40 -8.66
N LYS A 177 2.92 -17.17 -9.18
CA LYS A 177 3.45 -16.08 -8.37
C LYS A 177 2.86 -14.76 -8.86
N PRO A 178 1.53 -14.69 -8.95
CA PRO A 178 0.87 -13.52 -9.52
C PRO A 178 1.06 -12.32 -8.62
N THR A 179 1.40 -11.18 -9.23
CA THR A 179 1.52 -9.90 -8.57
C THR A 179 0.31 -9.06 -8.94
N VAL A 180 -0.30 -8.43 -7.92
CA VAL A 180 -1.42 -7.54 -8.10
C VAL A 180 -1.04 -6.19 -7.48
N ILE A 181 -1.27 -5.13 -8.27
CA ILE A 181 -0.95 -3.77 -7.89
C ILE A 181 -2.25 -3.01 -7.67
N VAL A 182 -2.36 -2.37 -6.49
CA VAL A 182 -3.53 -1.52 -6.22
C VAL A 182 -3.00 -0.15 -5.85
N GLY A 183 -3.57 0.92 -6.39
CA GLY A 183 -3.05 2.24 -6.09
C GLY A 183 -3.38 2.64 -4.65
N GLY A 184 -2.38 3.22 -3.96
CA GLY A 184 -2.60 3.69 -2.58
C GLY A 184 -2.94 5.17 -2.49
N PHE A 185 -3.65 5.69 -3.49
CA PHE A 185 -3.92 7.10 -3.63
C PHE A 185 -5.42 7.23 -3.74
N PRO A 186 -6.05 8.34 -3.29
CA PRO A 186 -7.51 8.41 -3.25
C PRO A 186 -8.19 8.61 -4.61
N HIS A 187 -7.53 9.31 -5.52
CA HIS A 187 -8.10 9.50 -6.85
C HIS A 187 -6.95 9.81 -7.82
N GLY A 188 -7.29 9.78 -9.10
CA GLY A 188 -6.35 10.11 -10.16
C GLY A 188 -5.66 8.86 -10.71
N ASP A 189 -4.59 9.13 -11.46
CA ASP A 189 -3.89 8.12 -12.22
C ASP A 189 -2.74 7.59 -11.36
N PHE A 190 -2.21 6.41 -11.70
CA PHE A 190 -0.94 5.93 -11.20
C PHE A 190 0.18 6.91 -11.58
N LYS A 191 1.27 6.93 -10.81
CA LYS A 191 2.44 7.69 -11.21
C LYS A 191 3.43 6.76 -11.87
N SER A 192 3.46 5.50 -11.40
CA SER A 192 4.38 4.50 -11.88
C SER A 192 3.71 3.63 -12.96
N LYS A 193 4.10 3.85 -14.22
CA LYS A 193 3.66 3.00 -15.30
C LYS A 193 4.64 1.84 -15.45
N VAL A 194 4.15 0.64 -15.14
CA VAL A 194 4.91 -0.59 -15.24
C VAL A 194 4.13 -1.48 -16.20
N ASP A 195 4.79 -2.49 -16.77
CA ASP A 195 4.07 -3.45 -17.60
C ASP A 195 3.14 -4.28 -16.71
N GLY A 196 1.88 -4.40 -17.13
CA GLY A 196 0.96 -5.29 -16.46
C GLY A 196 -0.41 -5.32 -17.14
N VAL A 197 -1.20 -6.31 -16.75
CA VAL A 197 -2.53 -6.48 -17.29
C VAL A 197 -3.52 -5.68 -16.46
N LYS A 198 -4.23 -4.72 -17.06
CA LYS A 198 -5.19 -3.95 -16.28
C LYS A 198 -6.53 -4.68 -16.14
N ILE A 199 -7.03 -4.74 -14.90
CA ILE A 199 -8.22 -5.47 -14.53
C ILE A 199 -9.16 -4.55 -13.75
N SER A 200 -10.39 -4.39 -14.26
CA SER A 200 -11.44 -3.75 -13.50
C SER A 200 -12.31 -4.81 -12.80
N LEU A 201 -12.77 -4.52 -11.58
CA LEU A 201 -13.72 -5.40 -10.92
C LEU A 201 -15.11 -4.79 -10.82
N TYR A 202 -15.28 -3.59 -11.35
CA TYR A 202 -16.54 -2.88 -11.25
C TYR A 202 -16.48 -1.66 -12.16
N ARG A 203 -17.61 -1.21 -12.72
CA ARG A 203 -17.48 -0.09 -13.63
C ARG A 203 -17.84 1.22 -12.92
N GLU A 204 -17.57 1.25 -11.62
CA GLU A 204 -17.49 2.51 -10.90
C GLU A 204 -16.19 2.48 -10.11
N PRO A 205 -15.60 3.64 -9.78
CA PRO A 205 -14.44 3.68 -8.92
C PRO A 205 -14.75 3.09 -7.54
N LEU A 206 -13.79 2.31 -7.02
CA LEU A 206 -13.86 1.78 -5.67
C LEU A 206 -12.58 2.19 -4.91
N MET A 207 -12.68 2.16 -3.59
CA MET A 207 -11.55 2.46 -2.73
C MET A 207 -10.60 1.28 -2.77
N ALA A 208 -9.34 1.57 -2.45
CA ALA A 208 -8.25 0.59 -2.51
C ALA A 208 -8.56 -0.62 -1.62
N TRP A 209 -9.15 -0.40 -0.45
CA TRP A 209 -9.35 -1.47 0.51
C TRP A 209 -10.43 -2.41 0.01
N THR A 210 -11.42 -1.86 -0.72
CA THR A 210 -12.49 -2.66 -1.30
C THR A 210 -11.89 -3.57 -2.36
N ILE A 211 -11.02 -2.99 -3.21
CA ILE A 211 -10.35 -3.80 -4.22
C ILE A 211 -9.48 -4.87 -3.57
N VAL A 212 -8.75 -4.49 -2.52
CA VAL A 212 -7.97 -5.46 -1.76
C VAL A 212 -8.85 -6.63 -1.31
N ASN A 213 -10.00 -6.34 -0.69
CA ASN A 213 -10.90 -7.39 -0.20
C ASN A 213 -11.40 -8.31 -1.32
N GLU A 214 -11.86 -7.72 -2.42
CA GLU A 214 -12.35 -8.49 -3.55
C GLU A 214 -11.27 -9.44 -4.09
N VAL A 215 -10.03 -8.96 -4.24
CA VAL A 215 -8.95 -9.77 -4.78
C VAL A 215 -8.59 -10.89 -3.79
N ILE A 216 -8.40 -10.54 -2.51
CA ILE A 216 -7.91 -11.50 -1.53
C ILE A 216 -8.95 -12.59 -1.32
N VAL A 217 -10.22 -12.20 -1.17
CA VAL A 217 -11.29 -13.15 -0.86
C VAL A 217 -11.54 -14.07 -2.05
N SER A 218 -11.56 -13.52 -3.28
CA SER A 218 -11.78 -14.28 -4.49
C SER A 218 -10.68 -15.33 -4.70
N TYR A 219 -9.44 -14.94 -4.43
CA TYR A 219 -8.29 -15.81 -4.52
C TYR A 219 -8.36 -16.90 -3.46
N GLU A 220 -8.68 -16.51 -2.24
CA GLU A 220 -8.79 -17.44 -1.13
C GLU A 220 -9.62 -18.65 -1.52
N TRP A 221 -10.74 -18.40 -2.18
CA TRP A 221 -11.69 -19.46 -2.36
C TRP A 221 -11.29 -20.40 -3.49
N GLU A 222 -10.21 -20.02 -4.21
CA GLU A 222 -9.63 -20.89 -5.21
C GLU A 222 -8.38 -21.56 -4.68
N VAL A 223 -7.52 -20.83 -3.98
CA VAL A 223 -6.16 -21.29 -3.79
C VAL A 223 -6.05 -22.18 -2.55
N ILE A 224 -6.93 -21.95 -1.57
CA ILE A 224 -6.96 -22.70 -0.33
C ILE A 224 -7.83 -23.94 -0.57
N LYS A 225 -7.18 -25.10 -0.71
CA LYS A 225 -7.86 -26.30 -1.17
C LYS A 225 -8.96 -26.73 -0.21
N LYS A 226 -8.80 -26.41 1.09
CA LYS A 226 -9.82 -26.75 2.07
C LYS A 226 -11.05 -25.83 1.96
N PHE A 227 -11.01 -24.84 1.04
CA PHE A 227 -12.20 -24.09 0.65
C PHE A 227 -12.72 -24.61 -0.70
CL CL B . 9.09 10.35 1.89
O5' ADN C . -8.93 3.60 -5.91
C5' ADN C . -7.62 3.22 -5.52
C4' ADN C . -7.10 2.12 -6.39
O4' ADN C . -8.08 1.06 -6.40
C3' ADN C . -6.93 2.43 -7.87
O3' ADN C . -5.70 3.08 -8.07
C2' ADN C . -6.94 1.03 -8.48
O2' ADN C . -5.74 0.30 -8.27
C1' ADN C . -8.09 0.44 -7.68
N9 ADN C . -9.42 0.57 -8.25
C8 ADN C . -10.34 1.60 -8.08
N7 ADN C . -11.50 1.35 -8.63
C5 ADN C . -11.32 0.13 -9.28
C6 ADN C . -12.17 -0.68 -10.06
N6 ADN C . -13.43 -0.37 -10.35
N1 ADN C . -11.68 -1.87 -10.50
C2 ADN C . -10.41 -2.19 -10.19
N3 ADN C . -9.52 -1.52 -9.47
C4 ADN C . -10.05 -0.37 -9.03
S SO4 D . -0.09 -25.07 -4.18
O1 SO4 D . -0.12 -25.64 -2.86
O2 SO4 D . 0.07 -26.11 -5.14
O3 SO4 D . -1.31 -24.37 -4.45
O4 SO4 D . 1.01 -24.16 -4.28
S SO3 E . 12.16 14.64 16.81
O1 SO3 E . 10.92 13.96 16.38
O2 SO3 E . 13.26 13.62 16.63
O3 SO3 E . 12.02 14.77 18.30
S SO3 F . -3.18 -1.37 18.88
O1 SO3 F . -4.53 -1.28 19.50
O2 SO3 F . -3.28 -2.59 18.01
O3 SO3 F . -3.14 -0.18 17.98
C1 EDO G . 13.15 2.39 -12.71
O1 EDO G . 13.08 1.14 -12.02
C2 EDO G . 11.83 3.02 -12.89
O2 EDO G . 11.04 2.42 -13.89
C1 EDO H . 8.01 -9.87 1.86
O1 EDO H . 8.29 -10.18 3.21
C2 EDO H . 6.79 -9.00 1.71
O2 EDO H . 6.96 -7.65 1.99
C1 EDO I . 8.74 13.96 1.61
O1 EDO I . 9.99 13.77 2.20
C2 EDO I . 9.12 14.40 0.24
O2 EDO I . 8.01 14.77 -0.55
C1 EDO J . 12.31 9.85 5.32
O1 EDO J . 12.08 11.11 5.89
C2 EDO J . 11.58 9.81 4.06
O2 EDO J . 11.81 8.53 3.48
C1 EDO K . 1.33 -16.16 8.40
O1 EDO K . 1.07 -15.46 9.61
C2 EDO K . 2.65 -16.86 8.36
O2 EDO K . 3.19 -17.04 7.05
C1 EDO L . -3.46 5.14 -14.32
O1 EDO L . -3.86 6.45 -14.37
C2 EDO L . -2.78 4.78 -15.54
O2 EDO L . -2.20 3.49 -15.45
C1 PEG M . -5.19 -8.93 17.87
O1 PEG M . -4.40 -9.91 18.50
C2 PEG M . -5.25 -7.67 18.66
O2 PEG M . -6.48 -7.57 19.38
C3 PEG M . -7.10 -6.30 19.28
C4 PEG M . -7.48 -6.00 17.85
O4 PEG M . -8.88 -5.97 17.60
#